data_2EKP
#
_entry.id   2EKP
#
_cell.length_a   66.873
_cell.length_b   87.233
_cell.length_c   92.093
_cell.angle_alpha   90.00
_cell.angle_beta   90.00
_cell.angle_gamma   90.00
#
_symmetry.space_group_name_H-M   'I 2 2 2'
#
loop_
_entity.id
_entity.type
_entity.pdbx_description
1 polymer '2-deoxy-D-gluconate 3-dehydrogenase'
2 non-polymer NICOTINAMIDE-ADENINE-DINUCLEOTIDE
3 non-polymer GLYCEROL
4 water water
#
_entity_poly.entity_id   1
_entity_poly.type   'polypeptide(L)'
_entity_poly.pdbx_seq_one_letter_code
;MERKALVTGGSRGIGRAIAEALVARGYRVAIASRNPEEAAQSLGAVPLPTDLEKDDPKGLVKRALEALGGLHVLVHAAAV
NVRKPALELSYEEWRRVLYLHLDVAFLLAQAAAPHMAEAGWGRVLFIGSVTTFTAGGPVPIPAYTTAKTALLGLTRALAK
EWARLGIRVNLLCPGYVETEFTLPLRQNPELYEPITARIPMGRWARPEEIARVAAVLCGDEAEYLTGQAVAVDGGFLAY
;
_entity_poly.pdbx_strand_id   A
#
loop_
_chem_comp.id
_chem_comp.type
_chem_comp.name
_chem_comp.formula
GOL non-polymer GLYCEROL 'C3 H8 O3'
NAD non-polymer NICOTINAMIDE-ADENINE-DINUCLEOTIDE 'C21 H27 N7 O14 P2'
#
# COMPACT_ATOMS: atom_id res chain seq x y z
N GLU A 2 1.10 21.60 -4.46
CA GLU A 2 0.60 21.39 -5.81
C GLU A 2 0.17 19.93 -6.03
N ARG A 3 0.81 18.84 -6.05
CA ARG A 3 0.32 17.45 -6.18
C ARG A 3 -0.53 17.08 -4.97
N LYS A 4 -1.72 16.51 -5.21
CA LYS A 4 -2.65 16.12 -4.15
C LYS A 4 -2.63 14.60 -4.02
N ALA A 5 -2.46 14.10 -2.80
CA ALA A 5 -2.38 12.66 -2.57
C ALA A 5 -3.28 12.12 -1.48
N LEU A 6 -3.83 10.94 -1.74
CA LEU A 6 -4.68 10.22 -0.79
C LEU A 6 -3.91 8.97 -0.36
N VAL A 7 -3.70 8.80 0.94
CA VAL A 7 -3.01 7.63 1.45
C VAL A 7 -3.92 6.89 2.42
N THR A 8 -4.41 5.71 2.02
CA THR A 8 -5.24 4.94 2.93
C THR A 8 -4.27 4.22 3.86
N GLY A 9 -4.69 3.99 5.09
CA GLY A 9 -3.80 3.37 6.06
C GLY A 9 -2.68 4.34 6.40
N GLY A 10 -2.99 5.64 6.30
CA GLY A 10 -1.98 6.65 6.57
C GLY A 10 -1.77 7.09 8.01
N SER A 11 -2.45 6.46 8.96
CA SER A 11 -2.29 6.85 10.36
C SER A 11 -1.18 6.08 11.09
N ARG A 12 -0.75 4.95 10.54
CA ARG A 12 0.29 4.13 11.19
C ARG A 12 1.23 3.48 10.18
N GLY A 13 2.32 2.97 10.72
CA GLY A 13 3.30 2.23 9.93
C GLY A 13 3.78 2.76 8.60
N ILE A 14 3.77 1.90 7.60
CA ILE A 14 4.24 2.26 6.27
C ILE A 14 3.41 3.36 5.64
N GLY A 15 2.09 3.26 5.75
CA GLY A 15 1.23 4.29 5.19
C GLY A 15 1.53 5.65 5.79
N ARG A 16 1.71 5.69 7.11
CA ARG A 16 2.01 6.95 7.78
C ARG A 16 3.36 7.50 7.29
N ALA A 17 4.35 6.61 7.15
CA ALA A 17 5.66 7.02 6.69
C ALA A 17 5.59 7.57 5.27
N ILE A 18 4.76 6.96 4.43
CA ILE A 18 4.60 7.43 3.07
C ILE A 18 3.93 8.81 3.07
N ALA A 19 2.87 8.98 3.86
CA ALA A 19 2.19 10.26 3.94
C ALA A 19 3.20 11.33 4.36
N GLU A 20 4.02 10.98 5.34
CA GLU A 20 5.06 11.86 5.85
C GLU A 20 6.04 12.27 4.77
N ALA A 21 6.48 11.28 3.98
CA ALA A 21 7.42 11.55 2.90
C ALA A 21 6.81 12.43 1.81
N LEU A 22 5.54 12.23 1.53
CA LEU A 22 4.87 13.04 0.51
C LEU A 22 4.70 14.47 0.98
N VAL A 23 4.38 14.66 2.26
CA VAL A 23 4.23 16.01 2.79
C VAL A 23 5.59 16.71 2.69
N ALA A 24 6.67 15.95 2.92
CA ALA A 24 8.01 16.49 2.85
C ALA A 24 8.36 16.93 1.42
N ARG A 25 7.69 16.34 0.44
CA ARG A 25 7.90 16.69 -0.96
C ARG A 25 7.05 17.87 -1.38
N GLY A 26 6.26 18.40 -0.46
CA GLY A 26 5.41 19.53 -0.77
C GLY A 26 4.03 19.16 -1.25
N TYR A 27 3.69 17.88 -1.20
CA TYR A 27 2.37 17.43 -1.64
C TYR A 27 1.32 17.74 -0.56
N ARG A 28 0.09 17.98 -0.98
CA ARG A 28 -1.00 18.19 -0.03
C ARG A 28 -1.55 16.79 0.14
N VAL A 29 -1.52 16.29 1.38
CA VAL A 29 -1.93 14.93 1.65
C VAL A 29 -3.16 14.75 2.54
N ALA A 30 -3.94 13.73 2.22
CA ALA A 30 -5.11 13.37 3.00
C ALA A 30 -4.86 11.92 3.40
N ILE A 31 -5.07 11.59 4.68
CA ILE A 31 -4.89 10.21 5.11
C ILE A 31 -6.24 9.65 5.51
N ALA A 32 -6.46 8.39 5.15
CA ALA A 32 -7.71 7.73 5.46
C ALA A 32 -7.50 6.50 6.32
N SER A 33 -8.24 6.43 7.42
CA SER A 33 -8.21 5.31 8.35
C SER A 33 -9.45 5.51 9.20
N ARG A 34 -9.73 4.60 10.13
CA ARG A 34 -10.91 4.76 10.95
C ARG A 34 -10.87 5.96 11.88
N ASN A 35 -9.71 6.22 12.49
CA ASN A 35 -9.54 7.34 13.43
C ASN A 35 -8.24 8.07 13.07
N PRO A 36 -8.22 8.75 11.92
CA PRO A 36 -7.04 9.48 11.43
C PRO A 36 -6.75 10.87 12.00
N GLU A 37 -7.68 11.41 12.79
CA GLU A 37 -7.52 12.76 13.33
C GLU A 37 -6.19 13.11 13.97
N GLU A 38 -5.77 12.31 14.96
CA GLU A 38 -4.52 12.60 15.65
C GLU A 38 -3.31 12.54 14.73
N ALA A 39 -3.22 11.48 13.93
CA ALA A 39 -2.10 11.34 13.02
C ALA A 39 -2.08 12.45 11.97
N ALA A 40 -3.26 12.82 11.48
CA ALA A 40 -3.36 13.86 10.46
C ALA A 40 -2.85 15.19 11.01
N GLN A 41 -3.23 15.51 12.24
CA GLN A 41 -2.79 16.76 12.86
C GLN A 41 -1.27 16.75 13.07
N SER A 42 -0.73 15.62 13.49
CA SER A 42 0.71 15.49 13.70
C SER A 42 1.45 15.58 12.38
N LEU A 43 0.88 14.94 11.37
CA LEU A 43 1.42 14.85 10.02
C LEU A 43 1.31 16.12 9.18
N GLY A 44 0.24 16.89 9.36
CA GLY A 44 0.05 18.09 8.56
C GLY A 44 -0.71 17.61 7.34
N ALA A 45 -1.64 16.69 7.56
CA ALA A 45 -2.46 16.12 6.50
C ALA A 45 -3.94 16.29 6.83
N VAL A 46 -4.79 16.11 5.83
CA VAL A 46 -6.23 16.21 6.03
C VAL A 46 -6.77 14.84 6.45
N PRO A 47 -7.53 14.79 7.56
CA PRO A 47 -8.07 13.51 8.01
C PRO A 47 -9.36 13.13 7.29
N LEU A 48 -9.46 11.87 6.86
CA LEU A 48 -10.66 11.37 6.19
C LEU A 48 -11.08 10.07 6.86
N PRO A 49 -11.90 10.16 7.92
CA PRO A 49 -12.36 8.97 8.64
C PRO A 49 -13.14 8.03 7.73
N THR A 50 -12.79 6.76 7.77
CA THR A 50 -13.46 5.77 6.94
C THR A 50 -13.10 4.36 7.38
N ASP A 51 -14.02 3.42 7.16
CA ASP A 51 -13.79 2.03 7.47
C ASP A 51 -13.80 1.38 6.10
N LEU A 52 -12.61 1.17 5.53
CA LEU A 52 -12.52 0.61 4.19
C LEU A 52 -12.94 -0.85 4.05
N GLU A 53 -13.30 -1.48 5.16
CA GLU A 53 -13.77 -2.86 5.07
C GLU A 53 -15.28 -2.84 4.84
N LYS A 54 -15.89 -1.67 4.99
CA LYS A 54 -17.34 -1.53 4.81
C LYS A 54 -17.80 -0.38 3.91
N ASP A 55 -17.14 0.76 4.02
CA ASP A 55 -17.53 1.94 3.24
C ASP A 55 -17.17 1.93 1.76
N ASP A 56 -18.09 2.43 0.94
CA ASP A 56 -17.90 2.49 -0.50
C ASP A 56 -16.64 3.27 -0.86
N PRO A 57 -15.65 2.61 -1.48
CA PRO A 57 -14.40 3.28 -1.85
C PRO A 57 -14.60 4.53 -2.71
N LYS A 58 -15.63 4.51 -3.56
CA LYS A 58 -15.94 5.64 -4.43
C LYS A 58 -16.19 6.89 -3.59
N GLY A 59 -16.85 6.71 -2.45
CA GLY A 59 -17.16 7.81 -1.56
C GLY A 59 -15.92 8.45 -0.98
N LEU A 60 -14.94 7.64 -0.62
CA LEU A 60 -13.70 8.15 -0.05
C LEU A 60 -12.95 8.98 -1.08
N VAL A 61 -12.89 8.50 -2.32
CA VAL A 61 -12.19 9.24 -3.35
C VAL A 61 -12.88 10.58 -3.60
N LYS A 62 -14.20 10.59 -3.60
CA LYS A 62 -14.96 11.82 -3.80
C LYS A 62 -14.63 12.81 -2.68
N ARG A 63 -14.58 12.31 -1.45
CA ARG A 63 -14.26 13.14 -0.31
C ARG A 63 -12.84 13.68 -0.38
N ALA A 64 -11.92 12.85 -0.90
CA ALA A 64 -10.53 13.27 -1.01
C ALA A 64 -10.38 14.39 -2.04
N LEU A 65 -11.06 14.22 -3.18
CA LEU A 65 -11.02 15.23 -4.24
C LEU A 65 -11.48 16.58 -3.71
N GLU A 66 -12.59 16.56 -2.96
CA GLU A 66 -13.16 17.77 -2.39
C GLU A 66 -12.25 18.37 -1.33
N ALA A 67 -11.71 17.53 -0.46
CA ALA A 67 -10.83 17.99 0.61
C ALA A 67 -9.51 18.57 0.14
N LEU A 68 -8.95 17.98 -0.92
CA LEU A 68 -7.65 18.41 -1.43
C LEU A 68 -7.68 19.37 -2.61
N GLY A 69 -8.82 19.46 -3.30
CA GLY A 69 -8.91 20.34 -4.44
C GLY A 69 -8.25 19.71 -5.66
N GLY A 70 -8.33 18.39 -5.72
CA GLY A 70 -7.74 17.64 -6.81
C GLY A 70 -7.27 16.29 -6.30
N LEU A 71 -6.75 15.45 -7.19
CA LEU A 71 -6.24 14.15 -6.80
C LEU A 71 -5.30 13.63 -7.87
N HIS A 72 -4.03 13.54 -7.52
CA HIS A 72 -3.00 13.08 -8.46
C HIS A 72 -2.34 11.77 -8.02
N VAL A 73 -2.33 11.51 -6.72
CA VAL A 73 -1.66 10.33 -6.17
C VAL A 73 -2.56 9.51 -5.26
N LEU A 74 -2.51 8.19 -5.44
CA LEU A 74 -3.28 7.27 -4.63
C LEU A 74 -2.35 6.19 -4.09
N VAL A 75 -2.31 6.03 -2.77
CA VAL A 75 -1.51 4.99 -2.14
C VAL A 75 -2.47 4.20 -1.26
N HIS A 76 -2.57 2.90 -1.50
CA HIS A 76 -3.49 2.07 -0.71
C HIS A 76 -2.73 1.18 0.27
N ALA A 77 -2.57 1.67 1.49
CA ALA A 77 -1.85 0.94 2.52
C ALA A 77 -2.72 0.34 3.62
N ALA A 78 -4.02 0.56 3.58
CA ALA A 78 -4.91 0.02 4.62
C ALA A 78 -4.65 -1.48 4.77
N ALA A 79 -4.43 -1.93 6.00
CA ALA A 79 -4.08 -3.33 6.26
C ALA A 79 -5.00 -4.13 7.19
N VAL A 80 -5.07 -5.43 6.91
CA VAL A 80 -5.83 -6.39 7.71
C VAL A 80 -5.32 -7.78 7.30
N ASN A 81 -5.53 -8.76 8.15
CA ASN A 81 -5.09 -10.11 7.82
C ASN A 81 -5.76 -11.12 8.74
N VAL A 82 -5.85 -12.35 8.27
CA VAL A 82 -6.37 -13.46 9.05
C VAL A 82 -5.31 -14.52 8.82
N ARG A 83 -4.43 -14.69 9.80
CA ARG A 83 -3.34 -15.64 9.67
C ARG A 83 -3.73 -17.06 10.06
N LYS A 84 -4.43 -17.72 9.15
CA LYS A 84 -4.89 -19.09 9.34
C LYS A 84 -4.60 -19.89 8.09
N PRO A 85 -4.24 -21.18 8.26
CA PRO A 85 -3.95 -22.05 7.12
C PRO A 85 -5.21 -22.19 6.27
N ALA A 86 -5.03 -22.54 4.99
CA ALA A 86 -6.14 -22.68 4.07
C ALA A 86 -7.25 -23.60 4.55
N LEU A 87 -6.89 -24.74 5.15
CA LEU A 87 -7.91 -25.68 5.60
C LEU A 87 -8.69 -25.21 6.82
N GLU A 88 -8.18 -24.20 7.52
CA GLU A 88 -8.86 -23.65 8.69
C GLU A 88 -9.65 -22.40 8.34
N LEU A 89 -9.16 -21.66 7.34
CA LEU A 89 -9.77 -20.42 6.89
C LEU A 89 -11.18 -20.58 6.34
N SER A 90 -12.09 -19.70 6.75
CA SER A 90 -13.47 -19.74 6.25
C SER A 90 -13.53 -18.88 5.00
N TYR A 91 -14.57 -19.06 4.20
CA TYR A 91 -14.71 -18.25 2.99
C TYR A 91 -14.88 -16.78 3.36
N GLU A 92 -15.52 -16.52 4.50
CA GLU A 92 -15.74 -15.15 4.95
C GLU A 92 -14.41 -14.47 5.22
N GLU A 93 -13.53 -15.20 5.89
CA GLU A 93 -12.21 -14.67 6.22
C GLU A 93 -11.40 -14.47 4.95
N TRP A 94 -11.51 -15.42 4.02
CA TRP A 94 -10.81 -15.33 2.75
C TRP A 94 -11.25 -14.04 2.05
N ARG A 95 -12.57 -13.85 1.96
CA ARG A 95 -13.12 -12.66 1.33
C ARG A 95 -12.76 -11.38 2.07
N ARG A 96 -12.66 -11.43 3.39
CA ARG A 96 -12.32 -10.24 4.14
C ARG A 96 -10.94 -9.74 3.72
N VAL A 97 -9.98 -10.65 3.61
CA VAL A 97 -8.62 -10.29 3.23
C VAL A 97 -8.54 -9.84 1.77
N LEU A 98 -9.14 -10.62 0.87
CA LEU A 98 -9.12 -10.29 -0.55
C LEU A 98 -9.86 -8.98 -0.83
N TYR A 99 -10.94 -8.73 -0.10
CA TYR A 99 -11.69 -7.50 -0.33
C TYR A 99 -10.87 -6.25 0.00
N LEU A 100 -10.33 -6.16 1.21
CA LEU A 100 -9.59 -4.96 1.57
C LEU A 100 -8.30 -4.78 0.77
N HIS A 101 -7.55 -5.86 0.55
CA HIS A 101 -6.28 -5.74 -0.16
C HIS A 101 -6.40 -5.60 -1.67
N LEU A 102 -7.32 -6.35 -2.27
CA LEU A 102 -7.47 -6.36 -3.71
C LEU A 102 -8.67 -5.63 -4.29
N ASP A 103 -9.88 -6.01 -3.89
CA ASP A 103 -11.06 -5.37 -4.44
C ASP A 103 -11.07 -3.87 -4.18
N VAL A 104 -10.72 -3.47 -2.97
CA VAL A 104 -10.69 -2.05 -2.63
C VAL A 104 -9.60 -1.33 -3.43
N ALA A 105 -8.51 -2.03 -3.73
CA ALA A 105 -7.43 -1.43 -4.52
C ALA A 105 -8.01 -1.08 -5.90
N PHE A 106 -8.72 -2.04 -6.48
CA PHE A 106 -9.34 -1.83 -7.79
C PHE A 106 -10.35 -0.68 -7.75
N LEU A 107 -11.26 -0.73 -6.77
CA LEU A 107 -12.29 0.29 -6.66
C LEU A 107 -11.74 1.69 -6.42
N LEU A 108 -10.72 1.82 -5.58
CA LEU A 108 -10.12 3.12 -5.32
C LEU A 108 -9.43 3.66 -6.57
N ALA A 109 -8.65 2.82 -7.23
CA ALA A 109 -7.94 3.24 -8.44
C ALA A 109 -8.90 3.62 -9.55
N GLN A 110 -9.95 2.82 -9.73
CA GLN A 110 -10.94 3.08 -10.75
C GLN A 110 -11.61 4.44 -10.53
N ALA A 111 -11.88 4.76 -9.28
CA ALA A 111 -12.51 6.04 -8.94
C ALA A 111 -11.56 7.22 -9.05
N ALA A 112 -10.28 7.00 -8.75
CA ALA A 112 -9.30 8.07 -8.80
C ALA A 112 -8.76 8.40 -10.19
N ALA A 113 -8.72 7.41 -11.07
CA ALA A 113 -8.17 7.60 -12.42
C ALA A 113 -8.71 8.80 -13.21
N PRO A 114 -10.03 9.03 -13.22
CA PRO A 114 -10.55 10.17 -13.97
C PRO A 114 -9.95 11.52 -13.53
N HIS A 115 -9.66 11.63 -12.23
CA HIS A 115 -9.11 12.87 -11.67
C HIS A 115 -7.68 13.07 -12.09
N MET A 116 -6.93 11.97 -12.12
CA MET A 116 -5.53 12.01 -12.51
C MET A 116 -5.48 12.32 -14.01
N ALA A 117 -6.37 11.69 -14.77
CA ALA A 117 -6.43 11.90 -16.21
C ALA A 117 -6.72 13.36 -16.54
N GLU A 118 -7.64 13.98 -15.81
CA GLU A 118 -7.98 15.38 -16.04
C GLU A 118 -6.73 16.25 -15.85
N ALA A 119 -5.92 15.89 -14.88
CA ALA A 119 -4.69 16.63 -14.58
C ALA A 119 -3.57 16.27 -15.56
N GLY A 120 -3.76 15.16 -16.28
CA GLY A 120 -2.75 14.70 -17.23
C GLY A 120 -1.52 14.12 -16.55
N TRP A 121 -1.66 13.78 -15.27
CA TRP A 121 -0.55 13.25 -14.48
C TRP A 121 -1.12 12.51 -13.28
N GLY A 122 -0.65 11.28 -13.06
CA GLY A 122 -1.14 10.53 -11.93
C GLY A 122 -0.17 9.44 -11.50
N ARG A 123 -0.28 9.07 -10.23
CA ARG A 123 0.55 8.00 -9.69
C ARG A 123 -0.31 7.15 -8.77
N VAL A 124 -0.37 5.85 -9.09
CA VAL A 124 -1.10 4.90 -8.27
C VAL A 124 -0.04 3.98 -7.69
N LEU A 125 -0.04 3.83 -6.39
CA LEU A 125 0.91 2.96 -5.73
C LEU A 125 0.20 1.95 -4.86
N PHE A 126 0.24 0.70 -5.29
CA PHE A 126 -0.35 -0.38 -4.52
C PHE A 126 0.81 -0.92 -3.68
N ILE A 127 0.47 -1.57 -2.57
CA ILE A 127 1.50 -2.13 -1.71
C ILE A 127 1.44 -3.66 -1.77
N GLY A 128 2.53 -4.24 -2.25
CA GLY A 128 2.65 -5.68 -2.35
C GLY A 128 3.36 -6.23 -1.14
N SER A 129 4.17 -7.26 -1.34
CA SER A 129 4.87 -7.91 -0.24
C SER A 129 5.86 -8.91 -0.81
N VAL A 130 6.68 -9.51 0.05
CA VAL A 130 7.58 -10.54 -0.46
C VAL A 130 6.66 -11.71 -0.82
N THR A 131 5.43 -11.70 -0.29
CA THR A 131 4.48 -12.76 -0.61
C THR A 131 3.83 -12.55 -1.98
N THR A 132 4.31 -11.55 -2.71
CA THR A 132 3.84 -11.32 -4.07
C THR A 132 4.66 -12.31 -4.91
N PHE A 133 5.77 -12.77 -4.32
CA PHE A 133 6.70 -13.68 -5.00
C PHE A 133 6.96 -15.01 -4.29
N THR A 134 6.50 -15.12 -3.04
CA THR A 134 6.67 -16.32 -2.24
C THR A 134 5.38 -16.55 -1.44
N ALA A 135 5.35 -17.61 -0.63
CA ALA A 135 4.17 -17.92 0.15
C ALA A 135 4.28 -17.57 1.65
N GLY A 136 5.23 -16.73 2.01
CA GLY A 136 5.36 -16.33 3.40
C GLY A 136 6.19 -17.21 4.31
N GLY A 137 6.77 -18.27 3.76
CA GLY A 137 7.60 -19.15 4.55
C GLY A 137 6.93 -19.80 5.74
N PRO A 138 7.45 -19.61 6.96
CA PRO A 138 6.86 -20.23 8.15
C PRO A 138 5.52 -19.64 8.60
N VAL A 139 5.11 -18.54 7.99
CA VAL A 139 3.86 -17.89 8.35
C VAL A 139 2.68 -18.40 7.51
N PRO A 140 1.56 -18.77 8.16
CA PRO A 140 0.38 -19.28 7.45
C PRO A 140 -0.51 -18.13 6.97
N ILE A 141 -0.26 -17.64 5.76
CA ILE A 141 -1.04 -16.53 5.22
C ILE A 141 -1.45 -16.72 3.76
N PRO A 142 -2.22 -17.77 3.47
CA PRO A 142 -2.67 -18.02 2.10
C PRO A 142 -3.52 -16.93 1.45
N ALA A 143 -4.46 -16.36 2.20
CA ALA A 143 -5.32 -15.32 1.63
C ALA A 143 -4.51 -14.06 1.30
N TYR A 144 -3.64 -13.66 2.23
CA TYR A 144 -2.79 -12.49 2.07
C TYR A 144 -1.84 -12.69 0.89
N THR A 145 -1.22 -13.86 0.81
CA THR A 145 -0.30 -14.18 -0.28
C THR A 145 -1.04 -14.05 -1.62
N THR A 146 -2.23 -14.63 -1.68
CA THR A 146 -3.02 -14.57 -2.91
C THR A 146 -3.34 -13.13 -3.28
N ALA A 147 -3.78 -12.34 -2.31
CA ALA A 147 -4.12 -10.95 -2.58
C ALA A 147 -2.92 -10.11 -3.03
N LYS A 148 -1.79 -10.27 -2.35
CA LYS A 148 -0.60 -9.49 -2.71
C LYS A 148 -0.01 -9.90 -4.06
N THR A 149 -0.26 -11.13 -4.48
CA THR A 149 0.23 -11.58 -5.78
C THR A 149 -0.74 -11.08 -6.84
N ALA A 150 -2.04 -11.11 -6.52
CA ALA A 150 -3.07 -10.64 -7.43
C ALA A 150 -2.81 -9.17 -7.78
N LEU A 151 -2.34 -8.41 -6.80
CA LEU A 151 -2.05 -7.00 -7.01
C LEU A 151 -1.04 -6.74 -8.11
N LEU A 152 -0.15 -7.68 -8.36
CA LEU A 152 0.83 -7.48 -9.42
C LEU A 152 0.12 -7.56 -10.77
N GLY A 153 -0.89 -8.44 -10.88
CA GLY A 153 -1.65 -8.53 -12.11
C GLY A 153 -2.45 -7.26 -12.31
N LEU A 154 -3.07 -6.77 -11.24
CA LEU A 154 -3.86 -5.55 -11.34
C LEU A 154 -2.94 -4.38 -11.72
N THR A 155 -1.75 -4.36 -11.14
CA THR A 155 -0.78 -3.30 -11.42
C THR A 155 -0.45 -3.26 -12.91
N ARG A 156 -0.13 -4.42 -13.48
CA ARG A 156 0.20 -4.49 -14.90
C ARG A 156 -0.99 -4.07 -15.76
N ALA A 157 -2.17 -4.58 -15.40
CA ALA A 157 -3.39 -4.27 -16.14
C ALA A 157 -3.74 -2.79 -16.17
N LEU A 158 -3.73 -2.14 -15.02
CA LEU A 158 -4.07 -0.73 -14.97
C LEU A 158 -2.97 0.13 -15.59
N ALA A 159 -1.72 -0.27 -15.40
CA ALA A 159 -0.61 0.47 -15.99
C ALA A 159 -0.75 0.48 -17.50
N LYS A 160 -1.08 -0.68 -18.06
CA LYS A 160 -1.23 -0.80 -19.51
C LYS A 160 -2.34 0.11 -20.04
N GLU A 161 -3.49 0.08 -19.38
CA GLU A 161 -4.63 0.86 -19.83
C GLU A 161 -4.55 2.36 -19.62
N TRP A 162 -3.85 2.78 -18.56
CA TRP A 162 -3.81 4.20 -18.25
C TRP A 162 -2.54 4.95 -18.58
N ALA A 163 -1.56 4.27 -19.16
CA ALA A 163 -0.28 4.89 -19.50
C ALA A 163 -0.45 6.15 -20.35
N ARG A 164 -1.27 6.08 -21.39
CA ARG A 164 -1.46 7.22 -22.27
C ARG A 164 -2.17 8.40 -21.60
N LEU A 165 -2.78 8.15 -20.44
CA LEU A 165 -3.48 9.21 -19.70
C LEU A 165 -2.54 9.96 -18.78
N GLY A 166 -1.28 9.53 -18.75
CA GLY A 166 -0.29 10.18 -17.89
C GLY A 166 -0.21 9.57 -16.51
N ILE A 167 -0.88 8.44 -16.32
CA ILE A 167 -0.89 7.75 -15.04
C ILE A 167 0.11 6.61 -15.00
N ARG A 168 0.85 6.51 -13.91
CA ARG A 168 1.81 5.42 -13.73
C ARG A 168 1.25 4.59 -12.57
N VAL A 169 1.31 3.27 -12.70
CA VAL A 169 0.79 2.36 -11.68
C VAL A 169 1.87 1.35 -11.34
N ASN A 170 2.26 1.29 -10.08
CA ASN A 170 3.30 0.36 -9.65
C ASN A 170 2.96 -0.30 -8.33
N LEU A 171 3.70 -1.35 -8.01
CA LEU A 171 3.50 -2.12 -6.79
C LEU A 171 4.76 -2.11 -5.94
N LEU A 172 4.72 -1.37 -4.83
CA LEU A 172 5.86 -1.32 -3.93
C LEU A 172 5.76 -2.57 -3.05
N CYS A 173 6.80 -3.41 -3.09
CA CYS A 173 6.80 -4.64 -2.30
C CYS A 173 7.81 -4.60 -1.18
N PRO A 174 7.36 -4.19 0.02
CA PRO A 174 8.28 -4.13 1.15
C PRO A 174 8.62 -5.52 1.65
N GLY A 175 9.78 -5.64 2.30
CA GLY A 175 10.19 -6.89 2.87
C GLY A 175 9.59 -6.91 4.27
N TYR A 176 10.39 -7.28 5.26
CA TYR A 176 9.91 -7.35 6.62
C TYR A 176 10.17 -6.01 7.30
N VAL A 177 9.08 -5.33 7.65
CA VAL A 177 9.14 -4.00 8.24
C VAL A 177 8.61 -3.96 9.67
N GLU A 178 9.25 -3.14 10.50
CA GLU A 178 8.85 -3.01 11.89
C GLU A 178 7.62 -2.12 12.05
N THR A 179 6.45 -2.76 12.10
CA THR A 179 5.18 -2.06 12.30
C THR A 179 4.33 -2.96 13.19
N GLU A 180 3.19 -2.46 13.62
CA GLU A 180 2.30 -3.24 14.47
C GLU A 180 1.75 -4.46 13.73
N PHE A 181 1.58 -4.31 12.43
CA PHE A 181 1.03 -5.37 11.59
C PHE A 181 1.83 -6.67 11.64
N THR A 182 3.14 -6.56 11.80
CA THR A 182 4.00 -7.74 11.84
C THR A 182 4.49 -8.12 13.23
N LEU A 183 3.89 -7.55 14.27
CA LEU A 183 4.30 -7.88 15.62
C LEU A 183 4.23 -9.38 15.89
N PRO A 184 3.17 -10.06 15.43
CA PRO A 184 3.05 -11.50 15.65
C PRO A 184 4.28 -12.26 15.14
N LEU A 185 4.84 -11.80 14.03
CA LEU A 185 6.03 -12.43 13.46
C LEU A 185 7.24 -12.23 14.35
N ARG A 186 7.39 -11.01 14.85
CA ARG A 186 8.53 -10.68 15.70
C ARG A 186 8.49 -11.32 17.08
N GLN A 187 7.29 -11.65 17.56
CA GLN A 187 7.17 -12.25 18.89
C GLN A 187 7.24 -13.77 18.92
N ASN A 188 7.46 -14.37 17.76
CA ASN A 188 7.57 -15.81 17.68
C ASN A 188 8.93 -16.16 17.08
N PRO A 189 9.88 -16.61 17.91
CA PRO A 189 11.23 -16.96 17.45
C PRO A 189 11.24 -17.89 16.24
N GLU A 190 10.32 -18.85 16.23
CA GLU A 190 10.24 -19.81 15.13
C GLU A 190 9.85 -19.16 13.82
N LEU A 191 9.42 -17.90 13.90
CA LEU A 191 9.04 -17.15 12.71
C LEU A 191 10.11 -16.10 12.43
N TYR A 192 10.41 -15.29 13.43
CA TYR A 192 11.39 -14.22 13.28
C TYR A 192 12.79 -14.66 12.91
N GLU A 193 13.34 -15.65 13.61
CA GLU A 193 14.70 -16.07 13.32
C GLU A 193 14.92 -16.70 11.94
N PRO A 194 14.07 -17.66 11.53
CA PRO A 194 14.28 -18.26 10.21
C PRO A 194 14.13 -17.24 9.08
N ILE A 195 13.27 -16.25 9.30
CA ILE A 195 13.04 -15.21 8.31
C ILE A 195 14.22 -14.24 8.25
N THR A 196 14.62 -13.74 9.41
CA THR A 196 15.71 -12.79 9.47
C THR A 196 17.04 -13.37 8.97
N ALA A 197 17.21 -14.68 9.13
CA ALA A 197 18.43 -15.33 8.67
C ALA A 197 18.54 -15.25 7.15
N ARG A 198 17.42 -14.96 6.49
CA ARG A 198 17.38 -14.86 5.03
C ARG A 198 17.45 -13.42 4.53
N ILE A 199 17.60 -12.47 5.44
CA ILE A 199 17.70 -11.06 5.06
C ILE A 199 19.19 -10.71 5.07
N PRO A 200 19.81 -10.55 3.90
CA PRO A 200 21.24 -10.22 3.84
C PRO A 200 21.67 -9.04 4.71
N MET A 201 20.84 -7.99 4.77
CA MET A 201 21.17 -6.84 5.59
C MET A 201 21.12 -7.15 7.09
N GLY A 202 20.56 -8.31 7.43
CA GLY A 202 20.51 -8.74 8.81
C GLY A 202 19.58 -8.03 9.77
N ARG A 203 18.66 -7.24 9.23
CA ARG A 203 17.71 -6.51 10.07
C ARG A 203 16.46 -6.21 9.30
N TRP A 204 15.38 -5.91 10.04
CA TRP A 204 14.11 -5.56 9.44
C TRP A 204 14.19 -4.08 9.08
N ALA A 205 13.28 -3.62 8.24
CA ALA A 205 13.27 -2.24 7.82
C ALA A 205 12.46 -1.34 8.73
N ARG A 206 12.81 -0.05 8.69
CA ARG A 206 12.07 0.96 9.42
C ARG A 206 11.08 1.46 8.37
N PRO A 207 9.85 1.80 8.78
CA PRO A 207 8.87 2.28 7.81
C PRO A 207 9.37 3.42 6.90
N GLU A 208 10.11 4.36 7.47
CA GLU A 208 10.62 5.48 6.69
C GLU A 208 11.57 5.03 5.57
N GLU A 209 12.29 3.93 5.76
CA GLU A 209 13.19 3.45 4.72
C GLU A 209 12.39 2.96 3.51
N ILE A 210 11.21 2.42 3.78
CA ILE A 210 10.33 1.94 2.73
C ILE A 210 9.70 3.15 2.02
N ALA A 211 9.32 4.14 2.82
CA ALA A 211 8.69 5.34 2.29
C ALA A 211 9.59 6.13 1.34
N ARG A 212 10.91 6.03 1.50
CA ARG A 212 11.83 6.73 0.62
C ARG A 212 11.59 6.30 -0.83
N VAL A 213 11.36 5.00 -1.01
CA VAL A 213 11.13 4.47 -2.34
C VAL A 213 9.69 4.77 -2.80
N ALA A 214 8.75 4.70 -1.87
CA ALA A 214 7.37 5.01 -2.21
C ALA A 214 7.27 6.41 -2.78
N ALA A 215 7.97 7.36 -2.17
CA ALA A 215 7.93 8.75 -2.63
C ALA A 215 8.40 8.86 -4.07
N VAL A 216 9.46 8.13 -4.41
CA VAL A 216 10.01 8.12 -5.76
C VAL A 216 8.93 7.65 -6.76
N LEU A 217 8.22 6.58 -6.40
CA LEU A 217 7.18 6.03 -7.25
C LEU A 217 5.94 6.92 -7.33
N CYS A 218 5.91 7.97 -6.50
CA CYS A 218 4.81 8.91 -6.49
C CYS A 218 5.27 10.26 -7.03
N GLY A 219 6.43 10.27 -7.70
CA GLY A 219 6.96 11.51 -8.24
C GLY A 219 7.39 11.45 -9.69
N ASP A 220 8.03 12.52 -10.14
CA ASP A 220 8.49 12.61 -11.51
C ASP A 220 9.57 11.58 -11.84
N GLU A 221 10.20 11.02 -10.82
CA GLU A 221 11.23 10.02 -11.07
C GLU A 221 10.64 8.81 -11.78
N ALA A 222 9.36 8.57 -11.59
CA ALA A 222 8.69 7.42 -12.22
C ALA A 222 8.01 7.74 -13.55
N GLU A 223 8.42 8.83 -14.19
CA GLU A 223 7.82 9.21 -15.46
C GLU A 223 7.79 8.07 -16.48
N TYR A 224 8.85 7.27 -16.54
CA TYR A 224 8.90 6.17 -17.50
C TYR A 224 8.87 4.82 -16.80
N LEU A 225 8.42 4.80 -15.55
CA LEU A 225 8.37 3.57 -14.75
C LEU A 225 6.92 3.23 -14.43
N THR A 226 6.41 2.18 -15.05
CA THR A 226 5.03 1.78 -14.81
C THR A 226 4.77 0.30 -15.07
N GLY A 227 3.80 -0.25 -14.34
CA GLY A 227 3.44 -1.66 -14.46
C GLY A 227 4.42 -2.60 -13.82
N GLN A 228 5.18 -2.09 -12.86
CA GLN A 228 6.22 -2.88 -12.21
C GLN A 228 6.13 -3.01 -10.70
N ALA A 229 6.73 -4.09 -10.21
CA ALA A 229 6.83 -4.33 -8.79
C ALA A 229 8.26 -3.89 -8.46
N VAL A 230 8.41 -3.20 -7.34
CA VAL A 230 9.72 -2.76 -6.87
C VAL A 230 9.84 -3.28 -5.46
N ALA A 231 10.73 -4.25 -5.26
CA ALA A 231 10.92 -4.87 -3.95
C ALA A 231 12.00 -4.16 -3.14
N VAL A 232 11.63 -3.76 -1.92
CA VAL A 232 12.52 -3.06 -1.00
C VAL A 232 12.52 -3.97 0.22
N ASP A 233 13.41 -4.96 0.19
CA ASP A 233 13.44 -6.01 1.21
C ASP A 233 14.77 -6.37 1.85
N GLY A 234 15.76 -5.49 1.76
CA GLY A 234 17.04 -5.77 2.38
C GLY A 234 17.78 -6.97 1.81
N GLY A 235 17.34 -7.42 0.64
CA GLY A 235 17.96 -8.56 -0.02
C GLY A 235 17.27 -9.90 0.20
N PHE A 236 16.17 -9.91 0.95
CA PHE A 236 15.45 -11.15 1.25
C PHE A 236 15.14 -12.03 0.05
N LEU A 237 14.50 -11.49 -0.97
CA LEU A 237 14.15 -12.30 -2.13
C LEU A 237 15.37 -12.78 -2.91
N ALA A 238 16.43 -11.98 -2.92
CA ALA A 238 17.64 -12.33 -3.63
C ALA A 238 18.48 -13.42 -2.96
N TYR A 239 18.36 -13.51 -1.63
CA TYR A 239 19.13 -14.47 -0.84
C TYR A 239 19.33 -15.84 -1.50
PA NAD B . -0.01 -0.88 10.11
O1A NAD B . 1.18 -0.21 10.66
O2A NAD B . -0.76 -1.78 11.08
O5B NAD B . -0.99 0.25 9.53
C5B NAD B . -2.21 -0.19 8.97
C4B NAD B . -3.06 1.12 8.45
O4B NAD B . -4.25 0.57 7.87
C3B NAD B . -3.36 2.04 9.66
O3B NAD B . -3.27 3.42 9.30
C2B NAD B . -4.76 1.58 10.06
O2B NAD B . -5.55 2.46 10.82
C1B NAD B . -5.27 1.22 8.70
N9A NAD B . -6.51 0.42 8.72
C8A NAD B . -6.75 -0.82 9.30
N7A NAD B . -8.03 -1.17 9.09
C5A NAD B . -8.63 -0.19 8.39
C6A NAD B . -9.95 0.01 7.87
N6A NAD B . -10.91 -0.88 8.07
N1A NAD B . -10.25 1.20 7.15
C2A NAD B . -9.26 2.20 6.93
N3A NAD B . -7.96 2.00 7.43
C4A NAD B . -7.67 0.82 8.14
O3 NAD B . 0.37 -1.80 8.85
PN NAD B . 1.61 -1.69 7.83
O1N NAD B . 2.13 -0.31 7.80
O2N NAD B . 2.55 -2.75 8.27
O5D NAD B . 0.86 -2.15 6.50
C5D NAD B . 0.69 -1.23 5.44
C4D NAD B . 0.71 -1.95 4.09
O4D NAD B . 1.97 -2.52 3.84
C3D NAD B . -0.29 -3.11 3.92
O3D NAD B . -0.84 -3.10 2.59
C2D NAD B . 0.53 -4.31 4.21
O2D NAD B . -0.11 -5.51 3.77
C1D NAD B . 1.80 -3.89 3.53
N1N NAD B . 3.06 -4.59 3.92
C2N NAD B . 3.51 -4.53 5.27
C3N NAD B . 4.72 -5.21 5.60
C7N NAD B . 5.25 -5.18 6.99
O7N NAD B . 6.39 -5.87 7.22
N7N NAD B . 4.67 -4.54 8.00
C4N NAD B . 5.44 -5.92 4.53
C5N NAD B . 4.96 -5.95 3.18
C6N NAD B . 3.76 -5.27 2.88
C1 GOL C . -18.71 -0.92 -4.02
O1 GOL C . -19.20 -0.56 -2.53
C2 GOL C . -18.85 -0.09 -5.14
O2 GOL C . -18.05 0.98 -5.05
C3 GOL C . -19.70 -0.51 -5.85
O3 GOL C . -19.77 -0.11 -7.35
C1 GOL D . -8.11 19.19 -11.46
O1 GOL D . -7.90 20.03 -12.82
C2 GOL D . -7.21 18.23 -10.95
O2 GOL D . -6.01 18.76 -10.70
C3 GOL D . -7.78 17.18 -10.88
O3 GOL D . -7.23 16.02 -10.06
#